data_2IEP
#
_entry.id   2IEP
#
_cell.length_a   77.608
_cell.length_b   118.004
_cell.length_c   57.785
_cell.angle_alpha   90.00
_cell.angle_beta   90.00
_cell.angle_gamma   90.00
#
_symmetry.space_group_name_H-M   'P 21 21 2'
#
loop_
_entity.id
_entity.type
_entity.pdbx_description
1 polymer 'Muscle-specific kinase receptor'
2 non-polymer 'SULFATE ION'
3 water water
#
_entity_poly.entity_id   1
_entity_poly.type   'polypeptide(L)'
_entity_poly.pdbx_seq_one_letter_code
;AEKLPKAPVITTPLETVDALVEEVATFMCAVESYPQPEISWTRNKILIKLFDTRYSIRENGQLLTILSVEDSDDGIYCCT
ANNGVGGAVESCGALQVKMKPKITRPPINVKIIEGLKAVLPCTTMGNPKPSVSWIKGDSALRENSRIAVLESGSLRIHNV
QKEDAGQYRCVAKNSLGTAYSKLVKLEVEVFA
;
_entity_poly.pdbx_strand_id   A,B
#
loop_
_chem_comp.id
_chem_comp.type
_chem_comp.name
_chem_comp.formula
SO4 non-polymer 'SULFATE ION' 'O4 S -2'
#
# COMPACT_ATOMS: atom_id res chain seq x y z
N LEU A 4 -11.24 6.58 -36.92
CA LEU A 4 -11.89 5.33 -37.39
C LEU A 4 -12.26 4.41 -36.21
N PRO A 5 -13.54 3.97 -36.15
CA PRO A 5 -13.97 3.11 -35.04
C PRO A 5 -13.32 1.73 -35.10
N LYS A 6 -12.80 1.28 -33.96
CA LYS A 6 -12.07 0.02 -33.87
C LYS A 6 -12.55 -0.75 -32.64
N ALA A 7 -12.97 -2.00 -32.88
CA ALA A 7 -13.37 -2.93 -31.82
C ALA A 7 -12.19 -3.15 -30.85
N PRO A 8 -12.47 -3.32 -29.54
CA PRO A 8 -11.36 -3.48 -28.58
C PRO A 8 -10.49 -4.71 -28.83
N VAL A 9 -9.17 -4.55 -28.67
CA VAL A 9 -8.24 -5.69 -28.60
C VAL A 9 -7.38 -5.55 -27.34
N ILE A 10 -7.30 -6.62 -26.57
CA ILE A 10 -6.38 -6.66 -25.43
C ILE A 10 -4.99 -7.08 -25.91
N THR A 11 -4.05 -6.14 -25.89
CA THR A 11 -2.73 -6.37 -26.44
C THR A 11 -1.79 -7.05 -25.44
N THR A 12 -2.11 -6.95 -24.15
CA THR A 12 -1.33 -7.65 -23.15
C THR A 12 -2.21 -8.61 -22.38
N PRO A 13 -2.25 -9.88 -22.79
CA PRO A 13 -3.05 -10.85 -22.07
C PRO A 13 -2.59 -10.92 -20.62
N LEU A 14 -3.52 -11.16 -19.71
CA LEU A 14 -3.22 -11.29 -18.30
C LEU A 14 -2.33 -12.49 -18.06
N GLU A 15 -1.41 -12.34 -17.11
CA GLU A 15 -0.47 -13.40 -16.76
C GLU A 15 -0.82 -13.99 -15.40
N THR A 16 -0.03 -14.95 -14.95
CA THR A 16 -0.09 -15.43 -13.58
C THR A 16 0.83 -14.50 -12.77
N VAL A 17 0.27 -13.83 -11.76
CA VAL A 17 1.07 -13.01 -10.86
C VAL A 17 1.26 -13.78 -9.54
N ASP A 18 2.52 -13.97 -9.14
CA ASP A 18 2.86 -14.52 -7.83
C ASP A 18 3.14 -13.36 -6.90
N ALA A 19 2.50 -13.36 -5.74
CA ALA A 19 2.67 -12.30 -4.78
C ALA A 19 2.67 -12.85 -3.37
N LEU A 20 3.53 -12.31 -2.51
CA LEU A 20 3.46 -12.64 -1.09
C LEU A 20 2.37 -11.81 -0.46
N VAL A 21 1.71 -12.35 0.57
CA VAL A 21 0.81 -11.55 1.42
C VAL A 21 1.51 -10.25 1.84
N GLU A 22 0.80 -9.12 1.75
CA GLU A 22 1.25 -7.78 2.17
C GLU A 22 2.05 -7.03 1.12
N GLU A 23 2.34 -7.68 0.00
CA GLU A 23 2.97 -7.04 -1.13
C GLU A 23 1.96 -6.37 -2.06
N VAL A 24 2.50 -5.58 -2.98
CA VAL A 24 1.75 -4.96 -4.06
C VAL A 24 1.75 -5.93 -5.24
N ALA A 25 0.59 -6.09 -5.89
CA ALA A 25 0.48 -6.88 -7.11
C ALA A 25 -0.31 -6.11 -8.15
N THR A 26 0.11 -6.18 -9.42
CA THR A 26 -0.51 -5.42 -10.52
C THR A 26 -0.81 -6.31 -11.71
N PHE A 27 -2.05 -6.19 -12.21
CA PHE A 27 -2.44 -6.77 -13.50
C PHE A 27 -2.48 -5.72 -14.59
N MET A 28 -1.93 -6.08 -15.75
CA MET A 28 -1.90 -5.14 -16.86
C MET A 28 -2.80 -5.60 -18.00
N CYS A 29 -3.82 -4.80 -18.30
CA CYS A 29 -4.81 -5.13 -19.33
C CYS A 29 -4.87 -3.99 -20.34
N ALA A 30 -3.78 -3.82 -21.09
CA ALA A 30 -3.68 -2.72 -22.05
C ALA A 30 -4.59 -2.99 -23.25
N VAL A 31 -5.33 -1.96 -23.68
CA VAL A 31 -6.37 -2.09 -24.70
C VAL A 31 -6.21 -1.08 -25.82
N GLU A 32 -6.17 -1.59 -27.05
CA GLU A 32 -6.26 -0.77 -28.25
C GLU A 32 -7.67 -0.80 -28.80
N SER A 33 -8.30 0.37 -28.89
CA SER A 33 -9.65 0.52 -29.41
C SER A 33 -10.00 1.98 -29.74
N TYR A 34 -11.02 2.19 -30.56
CA TYR A 34 -11.60 3.53 -30.75
C TYR A 34 -13.12 3.45 -30.86
N PRO A 35 -13.84 4.22 -30.02
CA PRO A 35 -13.28 5.10 -28.99
C PRO A 35 -12.73 4.37 -27.74
N GLN A 36 -12.28 5.16 -26.77
CA GLN A 36 -11.82 4.71 -25.45
C GLN A 36 -12.77 3.64 -24.88
N PRO A 37 -12.22 2.50 -24.41
CA PRO A 37 -13.12 1.47 -23.91
C PRO A 37 -13.53 1.70 -22.46
N GLU A 38 -14.52 0.92 -22.01
CA GLU A 38 -14.80 0.77 -20.59
C GLU A 38 -14.27 -0.59 -20.18
N ILE A 39 -13.40 -0.60 -19.19
CA ILE A 39 -12.76 -1.83 -18.77
C ILE A 39 -13.26 -2.21 -17.40
N SER A 40 -13.81 -3.42 -17.29
CA SER A 40 -14.28 -3.93 -16.01
C SER A 40 -13.51 -5.18 -15.61
N TRP A 41 -13.50 -5.46 -14.30
CA TRP A 41 -12.67 -6.52 -13.74
C TRP A 41 -13.49 -7.38 -12.82
N THR A 42 -13.20 -8.68 -12.81
CA THR A 42 -13.75 -9.61 -11.84
C THR A 42 -12.62 -10.43 -11.18
N ARG A 43 -12.83 -10.82 -9.92
CA ARG A 43 -12.01 -11.82 -9.25
C ARG A 43 -12.91 -13.04 -8.99
N ASN A 44 -12.50 -14.20 -9.48
CA ASN A 44 -13.33 -15.39 -9.39
C ASN A 44 -14.77 -15.10 -9.80
N LYS A 45 -14.89 -14.37 -10.91
CA LYS A 45 -16.17 -13.99 -11.53
C LYS A 45 -17.08 -13.08 -10.70
N ILE A 46 -16.53 -12.50 -9.64
CA ILE A 46 -17.25 -11.48 -8.88
C ILE A 46 -16.67 -10.11 -9.23
N LEU A 47 -17.56 -9.19 -9.60
CA LEU A 47 -17.12 -7.86 -9.98
C LEU A 47 -16.28 -7.16 -8.90
N ILE A 48 -15.19 -6.56 -9.36
CA ILE A 48 -14.40 -5.69 -8.52
C ILE A 48 -14.96 -4.27 -8.70
N LYS A 49 -15.37 -3.66 -7.60
CA LYS A 49 -15.80 -2.25 -7.58
C LYS A 49 -14.55 -1.37 -7.67
N LEU A 50 -14.52 -0.50 -8.66
CA LEU A 50 -13.30 0.22 -9.02
C LEU A 50 -13.02 1.41 -8.11
N PHE A 51 -14.01 1.76 -7.28
CA PHE A 51 -13.83 2.73 -6.20
C PHE A 51 -13.48 2.03 -4.86
N ASP A 52 -13.28 0.72 -4.89
CA ASP A 52 -12.80 0.02 -3.69
C ASP A 52 -11.35 0.47 -3.36
N THR A 53 -11.15 0.95 -2.14
CA THR A 53 -9.89 1.54 -1.71
C THR A 53 -8.73 0.55 -1.57
N ARG A 54 -9.04 -0.74 -1.67
CA ARG A 54 -8.04 -1.79 -1.63
C ARG A 54 -7.19 -1.86 -2.92
N TYR A 55 -7.66 -1.17 -3.97
CA TYR A 55 -7.05 -1.18 -5.30
C TYR A 55 -6.62 0.22 -5.73
N SER A 56 -5.53 0.30 -6.48
CA SER A 56 -5.22 1.49 -7.26
C SER A 56 -5.51 1.16 -8.74
N ILE A 57 -6.53 1.83 -9.28
CA ILE A 57 -7.01 1.59 -10.63
C ILE A 57 -6.60 2.80 -11.49
N ARG A 58 -5.90 2.54 -12.58
CA ARG A 58 -5.23 3.60 -13.32
C ARG A 58 -5.27 3.37 -14.81
N GLU A 59 -4.81 4.37 -15.56
CA GLU A 59 -4.79 4.31 -17.02
C GLU A 59 -6.09 3.73 -17.61
N ASN A 60 -7.20 4.33 -17.17
CA ASN A 60 -8.54 3.99 -17.63
C ASN A 60 -9.00 2.54 -17.31
N GLY A 61 -8.48 1.95 -16.24
CA GLY A 61 -8.81 0.56 -15.93
C GLY A 61 -7.90 -0.48 -16.58
N GLN A 62 -6.93 -0.04 -17.37
CA GLN A 62 -5.92 -0.92 -17.95
C GLN A 62 -4.93 -1.44 -16.90
N LEU A 63 -4.76 -0.66 -15.82
CA LEU A 63 -3.96 -1.11 -14.70
C LEU A 63 -4.82 -1.31 -13.47
N LEU A 64 -4.76 -2.52 -12.93
CA LEU A 64 -5.35 -2.82 -11.62
C LEU A 64 -4.26 -3.26 -10.64
N THR A 65 -4.09 -2.52 -9.55
CA THR A 65 -3.09 -2.83 -8.55
C THR A 65 -3.78 -3.11 -7.23
N ILE A 66 -3.43 -4.24 -6.62
CA ILE A 66 -3.81 -4.55 -5.25
C ILE A 66 -2.72 -3.98 -4.34
N LEU A 67 -3.09 -3.07 -3.45
CA LEU A 67 -2.09 -2.36 -2.65
C LEU A 67 -1.47 -3.21 -1.55
N SER A 68 -2.27 -4.07 -0.93
CA SER A 68 -1.73 -4.97 0.07
C SER A 68 -2.40 -6.32 -0.02
N VAL A 69 -1.71 -7.26 -0.64
CA VAL A 69 -2.24 -8.58 -0.97
C VAL A 69 -2.61 -9.36 0.28
N GLU A 70 -3.82 -9.91 0.28
CA GLU A 70 -4.22 -10.84 1.31
C GLU A 70 -4.63 -12.16 0.66
N ASP A 71 -4.58 -13.25 1.42
CA ASP A 71 -4.90 -14.61 0.93
C ASP A 71 -6.22 -14.70 0.15
N SER A 72 -7.21 -13.92 0.55
CA SER A 72 -8.51 -13.89 -0.11
C SER A 72 -8.45 -13.25 -1.51
N ASP A 73 -7.31 -12.67 -1.86
CA ASP A 73 -7.10 -12.09 -3.19
C ASP A 73 -6.71 -13.14 -4.24
N ASP A 74 -6.43 -14.34 -3.77
CA ASP A 74 -6.04 -15.46 -4.63
C ASP A 74 -7.24 -15.89 -5.48
N GLY A 75 -7.00 -16.04 -6.78
CA GLY A 75 -8.07 -16.43 -7.69
C GLY A 75 -7.83 -15.99 -9.12
N ILE A 76 -8.86 -16.17 -9.94
CA ILE A 76 -8.78 -15.84 -11.36
C ILE A 76 -9.23 -14.40 -11.57
N TYR A 77 -8.39 -13.63 -12.26
CA TYR A 77 -8.68 -12.24 -12.53
C TYR A 77 -8.96 -12.09 -14.01
N CYS A 78 -10.07 -11.43 -14.35
CA CYS A 78 -10.43 -11.19 -15.76
C CYS A 78 -10.74 -9.73 -16.00
N CYS A 79 -10.18 -9.20 -17.09
CA CYS A 79 -10.54 -7.88 -17.54
C CYS A 79 -11.37 -8.01 -18.84
N THR A 80 -12.38 -7.13 -18.97
CA THR A 80 -13.25 -7.12 -20.12
C THR A 80 -13.32 -5.69 -20.64
N ALA A 81 -13.12 -5.54 -21.96
CA ALA A 81 -13.15 -4.24 -22.61
C ALA A 81 -14.35 -4.16 -23.57
N ASN A 82 -15.09 -3.05 -23.43
CA ASN A 82 -16.25 -2.71 -24.25
C ASN A 82 -16.15 -1.25 -24.64
N ASN A 83 -16.31 -0.96 -25.92
CA ASN A 83 -16.43 0.45 -26.34
C ASN A 83 -17.63 0.73 -27.26
N GLY A 84 -18.51 -0.27 -27.43
CA GLY A 84 -19.70 -0.14 -28.26
C GLY A 84 -19.50 -0.59 -29.70
N VAL A 85 -18.25 -0.88 -30.06
CA VAL A 85 -17.88 -1.25 -31.43
C VAL A 85 -17.45 -2.71 -31.46
N GLY A 86 -17.94 -3.47 -32.44
CA GLY A 86 -17.61 -4.90 -32.59
C GLY A 86 -17.94 -5.77 -31.38
N GLY A 87 -17.21 -6.87 -31.23
CA GLY A 87 -17.39 -7.75 -30.08
C GLY A 87 -16.48 -7.40 -28.91
N ALA A 88 -17.01 -7.53 -27.69
CA ALA A 88 -16.22 -7.34 -26.47
C ALA A 88 -15.06 -8.33 -26.41
N VAL A 89 -14.06 -8.01 -25.59
CA VAL A 89 -12.91 -8.89 -25.44
C VAL A 89 -12.57 -9.03 -23.97
N GLU A 90 -12.04 -10.20 -23.62
CA GLU A 90 -11.73 -10.50 -22.26
C GLU A 90 -10.36 -11.17 -22.20
N SER A 91 -9.66 -10.95 -21.07
CA SER A 91 -8.45 -11.69 -20.77
C SER A 91 -8.47 -12.11 -19.31
N CYS A 92 -8.14 -13.39 -19.07
CA CYS A 92 -8.09 -13.94 -17.73
C CYS A 92 -6.68 -14.46 -17.36
N GLY A 93 -6.24 -14.06 -16.17
CA GLY A 93 -5.03 -14.59 -15.56
C GLY A 93 -5.33 -14.90 -14.10
N ALA A 94 -4.30 -15.19 -13.32
CA ALA A 94 -4.49 -15.60 -11.91
C ALA A 94 -3.55 -14.87 -10.97
N LEU A 95 -4.02 -14.64 -9.75
CA LEU A 95 -3.14 -14.20 -8.67
C LEU A 95 -2.90 -15.37 -7.73
N GLN A 96 -1.64 -15.78 -7.64
CA GLN A 96 -1.23 -16.83 -6.72
C GLN A 96 -0.58 -16.20 -5.49
N VAL A 97 -1.28 -16.27 -4.37
CA VAL A 97 -0.84 -15.65 -3.13
C VAL A 97 -0.05 -16.66 -2.29
N LYS A 98 1.19 -16.29 -1.98
CA LYS A 98 2.08 -17.07 -1.14
C LYS A 98 2.19 -16.39 0.21
N MET A 99 2.45 -17.19 1.24
CA MET A 99 2.51 -16.70 2.61
C MET A 99 3.36 -17.65 3.47
N LYS A 100 4.33 -17.08 4.18
CA LYS A 100 5.07 -17.77 5.24
C LYS A 100 4.06 -18.19 6.31
N PRO A 101 4.37 -19.24 7.11
CA PRO A 101 3.39 -19.71 8.10
C PRO A 101 3.03 -18.65 9.16
N LYS A 102 1.74 -18.62 9.48
CA LYS A 102 1.17 -17.79 10.53
C LYS A 102 0.43 -18.72 11.47
N ILE A 103 0.73 -18.63 12.77
CA ILE A 103 0.05 -19.46 13.78
C ILE A 103 -1.14 -18.65 14.27
N THR A 104 -2.31 -18.98 13.74
CA THR A 104 -3.53 -18.23 14.01
C THR A 104 -4.14 -18.56 15.37
N ARG A 105 -4.06 -19.82 15.77
CA ARG A 105 -4.43 -20.21 17.15
C ARG A 105 -3.28 -20.98 17.81
N PRO A 106 -2.38 -20.27 18.53
CA PRO A 106 -1.26 -20.93 19.24
C PRO A 106 -1.72 -21.69 20.49
N PRO A 107 -0.88 -22.63 21.01
CA PRO A 107 -1.27 -23.29 22.26
C PRO A 107 -1.23 -22.33 23.43
N ILE A 108 -2.06 -22.60 24.46
CA ILE A 108 -2.06 -21.79 25.67
C ILE A 108 -1.68 -22.65 26.90
N ASN A 109 -1.48 -21.99 28.05
CA ASN A 109 -1.23 -22.70 29.30
C ASN A 109 -2.46 -23.51 29.69
N VAL A 110 -2.24 -24.78 30.03
CA VAL A 110 -3.31 -25.69 30.40
C VAL A 110 -3.02 -26.38 31.74
N LYS A 111 -3.94 -26.19 32.69
CA LYS A 111 -3.99 -27.04 33.89
C LYS A 111 -5.07 -28.08 33.70
N ILE A 112 -4.72 -29.35 33.78
CA ILE A 112 -5.67 -30.42 33.50
C ILE A 112 -5.55 -31.56 34.52
N ILE A 113 -6.69 -32.12 34.87
CA ILE A 113 -6.78 -33.30 35.72
C ILE A 113 -6.18 -34.47 34.96
N GLU A 114 -5.36 -35.26 35.66
CA GLU A 114 -4.78 -36.45 35.04
C GLU A 114 -5.88 -37.44 34.65
N GLY A 115 -5.69 -38.14 33.53
CA GLY A 115 -6.71 -39.03 33.00
C GLY A 115 -7.64 -38.45 31.94
N LEU A 116 -7.71 -37.12 31.85
CA LEU A 116 -8.52 -36.48 30.80
C LEU A 116 -7.72 -36.30 29.49
N LYS A 117 -8.42 -35.97 28.41
CA LYS A 117 -7.76 -35.69 27.13
C LYS A 117 -7.39 -34.22 27.04
N ALA A 118 -6.10 -33.94 26.83
CA ALA A 118 -5.62 -32.59 26.54
C ALA A 118 -5.45 -32.43 25.04
N VAL A 119 -5.92 -31.30 24.51
CA VAL A 119 -5.75 -30.92 23.10
C VAL A 119 -5.17 -29.51 23.11
N LEU A 120 -3.95 -29.38 22.59
CA LEU A 120 -3.23 -28.11 22.54
C LEU A 120 -3.28 -27.62 21.10
N PRO A 121 -3.92 -26.45 20.87
CA PRO A 121 -4.09 -26.04 19.48
C PRO A 121 -2.80 -25.55 18.84
N CYS A 122 -2.72 -25.64 17.52
CA CYS A 122 -1.68 -24.96 16.77
C CYS A 122 -2.21 -24.75 15.37
N THR A 123 -3.27 -23.94 15.25
CA THR A 123 -3.88 -23.66 13.97
C THR A 123 -2.99 -22.70 13.18
N THR A 124 -2.77 -23.04 11.91
CA THR A 124 -1.86 -22.29 11.07
C THR A 124 -2.47 -21.94 9.72
N MET A 125 -1.87 -20.94 9.10
CA MET A 125 -2.25 -20.49 7.81
C MET A 125 -0.93 -20.34 7.03
N GLY A 126 -0.97 -20.61 5.73
CA GLY A 126 0.20 -20.38 4.89
C GLY A 126 0.02 -21.04 3.55
N ASN A 127 0.85 -20.65 2.60
CA ASN A 127 0.87 -21.24 1.27
C ASN A 127 2.30 -21.15 0.73
N PRO A 128 2.98 -22.31 0.58
CA PRO A 128 2.48 -23.68 0.80
C PRO A 128 1.96 -24.00 2.20
N LYS A 129 1.00 -24.94 2.25
CA LYS A 129 0.45 -25.47 3.48
C LYS A 129 1.56 -25.77 4.48
N PRO A 130 1.54 -25.10 5.65
CA PRO A 130 2.58 -25.36 6.64
C PRO A 130 2.52 -26.78 7.22
N SER A 131 3.68 -27.33 7.50
CA SER A 131 3.71 -28.56 8.27
C SER A 131 3.99 -28.17 9.71
N VAL A 132 3.33 -28.87 10.63
CA VAL A 132 3.39 -28.56 12.05
C VAL A 132 4.15 -29.63 12.84
N SER A 133 5.04 -29.22 13.73
CA SER A 133 5.63 -30.16 14.71
C SER A 133 5.66 -29.54 16.10
N TRP A 134 5.98 -30.37 17.10
CA TRP A 134 5.85 -30.00 18.50
C TRP A 134 7.14 -30.24 19.25
N ILE A 135 7.44 -29.31 20.15
CA ILE A 135 8.60 -29.37 21.02
C ILE A 135 8.10 -29.52 22.45
N LYS A 136 8.74 -30.38 23.24
CA LYS A 136 8.49 -30.46 24.68
C LYS A 136 9.80 -30.21 25.43
N GLY A 137 9.85 -29.11 26.16
CA GLY A 137 11.07 -28.66 26.81
C GLY A 137 11.91 -27.94 25.77
N ASP A 138 12.97 -28.61 25.32
CA ASP A 138 13.79 -28.07 24.23
C ASP A 138 14.06 -29.13 23.16
N SER A 139 13.25 -30.18 23.14
CA SER A 139 13.51 -31.27 22.21
C SER A 139 12.26 -31.79 21.50
N ALA A 140 12.48 -32.46 20.37
CA ALA A 140 11.42 -33.06 19.61
C ALA A 140 10.53 -33.86 20.54
N LEU A 141 9.23 -33.77 20.28
CA LEU A 141 8.27 -34.57 21.00
C LEU A 141 8.44 -36.03 20.61
N ARG A 142 8.63 -36.88 21.63
CA ARG A 142 8.61 -38.33 21.42
C ARG A 142 7.14 -38.72 21.42
N GLU A 143 6.52 -38.70 20.23
CA GLU A 143 5.14 -39.18 20.07
C GLU A 143 5.08 -40.64 20.52
N ASN A 144 4.05 -40.95 21.32
CA ASN A 144 3.79 -42.31 21.73
C ASN A 144 2.34 -42.68 21.49
N SER A 145 1.87 -43.70 22.19
CA SER A 145 0.57 -44.31 21.96
C SER A 145 -0.60 -43.34 22.26
N ARG A 146 -0.45 -42.58 23.33
CA ARG A 146 -1.49 -41.64 23.76
C ARG A 146 -1.48 -40.30 23.01
N ILE A 147 -0.38 -40.01 22.34
CA ILE A 147 -0.07 -38.67 21.85
C ILE A 147 0.00 -38.60 20.32
N ALA A 148 -0.83 -37.76 19.73
CA ALA A 148 -0.86 -37.57 18.28
C ALA A 148 -0.92 -36.10 17.90
N VAL A 149 -0.24 -35.78 16.80
CA VAL A 149 -0.37 -34.50 16.16
C VAL A 149 -1.48 -34.66 15.13
N LEU A 150 -2.57 -33.91 15.31
CA LEU A 150 -3.76 -34.01 14.46
C LEU A 150 -3.52 -33.28 13.15
N GLU A 151 -4.40 -33.52 12.18
CA GLU A 151 -4.30 -32.84 10.88
C GLU A 151 -4.43 -31.32 11.01
N SER A 152 -5.14 -30.91 12.06
CA SER A 152 -5.31 -29.49 12.40
C SER A 152 -4.03 -28.87 12.94
N GLY A 153 -3.06 -29.71 13.34
CA GLY A 153 -1.83 -29.23 13.98
C GLY A 153 -1.88 -29.32 15.50
N SER A 154 -3.05 -29.67 16.03
CA SER A 154 -3.26 -29.80 17.46
C SER A 154 -2.52 -31.00 18.01
N LEU A 155 -2.05 -30.88 19.25
CA LEU A 155 -1.47 -31.99 19.97
C LEU A 155 -2.55 -32.60 20.87
N ARG A 156 -3.00 -33.79 20.52
CA ARG A 156 -3.93 -34.55 21.36
C ARG A 156 -3.19 -35.57 22.24
N ILE A 157 -3.42 -35.48 23.55
CA ILE A 157 -2.89 -36.40 24.54
C ILE A 157 -4.06 -37.05 25.27
N HIS A 158 -4.37 -38.29 24.89
CA HIS A 158 -5.33 -39.11 25.61
C HIS A 158 -4.76 -39.43 26.98
N ASN A 159 -5.66 -39.58 27.96
CA ASN A 159 -5.30 -40.08 29.29
C ASN A 159 -4.03 -39.40 29.81
N VAL A 160 -4.09 -38.07 29.94
CA VAL A 160 -2.93 -37.27 30.34
C VAL A 160 -2.30 -37.82 31.64
N GLN A 161 -0.98 -38.00 31.61
CA GLN A 161 -0.22 -38.50 32.76
C GLN A 161 0.61 -37.39 33.36
N LYS A 162 1.06 -37.58 34.60
CA LYS A 162 1.89 -36.60 35.29
C LYS A 162 3.18 -36.29 34.52
N GLU A 163 3.67 -37.29 33.79
CA GLU A 163 4.94 -37.16 33.07
C GLU A 163 4.80 -36.40 31.74
N ASP A 164 3.56 -36.13 31.33
CA ASP A 164 3.26 -35.33 30.14
C ASP A 164 3.44 -33.85 30.47
N ALA A 165 3.36 -33.55 31.76
CA ALA A 165 3.57 -32.20 32.26
C ALA A 165 4.91 -31.64 31.78
N GLY A 166 4.88 -30.36 31.41
CA GLY A 166 6.08 -29.68 30.99
C GLY A 166 5.77 -28.46 30.14
N GLN A 167 6.79 -28.02 29.41
CA GLN A 167 6.67 -26.86 28.55
C GLN A 167 6.66 -27.27 27.09
N TYR A 168 5.64 -26.81 26.35
CA TYR A 168 5.44 -27.18 24.97
C TYR A 168 5.39 -25.95 24.08
N ARG A 169 5.78 -26.14 22.83
CA ARG A 169 5.59 -25.13 21.78
C ARG A 169 5.48 -25.81 20.43
N CYS A 170 4.83 -25.14 19.50
CA CYS A 170 4.65 -25.73 18.17
C CYS A 170 5.44 -24.93 17.12
N VAL A 171 5.80 -25.62 16.06
CA VAL A 171 6.64 -25.06 15.01
C VAL A 171 5.92 -25.34 13.70
N ALA A 172 5.72 -24.29 12.90
CA ALA A 172 5.03 -24.42 11.62
C ALA A 172 5.91 -23.91 10.48
N LYS A 173 6.11 -24.73 9.46
CA LYS A 173 7.02 -24.37 8.40
C LYS A 173 6.57 -24.64 6.98
N ASN A 174 7.10 -23.84 6.06
CA ASN A 174 7.03 -24.11 4.63
C ASN A 174 8.28 -23.54 3.96
N SER A 175 8.26 -23.49 2.64
CA SER A 175 9.43 -23.07 1.85
C SER A 175 9.85 -21.62 2.13
N LEU A 176 8.89 -20.81 2.61
CA LEU A 176 9.08 -19.37 2.71
C LEU A 176 9.50 -18.93 4.10
N GLY A 177 9.26 -19.78 5.07
CA GLY A 177 9.63 -19.47 6.45
C GLY A 177 9.08 -20.43 7.48
N THR A 178 9.34 -20.10 8.73
CA THR A 178 9.01 -20.90 9.89
C THR A 178 8.42 -19.97 10.94
N ALA A 179 7.28 -20.37 11.51
CA ALA A 179 6.70 -19.69 12.67
C ALA A 179 6.86 -20.57 13.90
N TYR A 180 7.14 -19.93 15.04
CA TYR A 180 7.37 -20.59 16.32
C TYR A 180 6.36 -20.01 17.33
N SER A 181 5.52 -20.87 17.92
CA SER A 181 4.67 -20.44 19.04
C SER A 181 5.53 -20.22 20.30
N LYS A 182 5.04 -19.36 21.18
CA LYS A 182 5.64 -19.23 22.51
C LYS A 182 5.51 -20.54 23.29
N LEU A 183 6.40 -20.74 24.25
CA LEU A 183 6.30 -21.86 25.18
C LEU A 183 5.04 -21.71 26.04
N VAL A 184 4.35 -22.83 26.24
CA VAL A 184 3.20 -22.90 27.16
C VAL A 184 3.45 -23.98 28.19
N LYS A 185 2.80 -23.83 29.34
CA LYS A 185 2.95 -24.79 30.44
C LYS A 185 1.75 -25.74 30.52
N LEU A 186 2.04 -27.03 30.37
CA LEU A 186 1.05 -28.06 30.61
C LEU A 186 1.27 -28.62 32.02
N GLU A 187 0.28 -28.40 32.88
CA GLU A 187 0.31 -28.86 34.26
C GLU A 187 -0.75 -29.94 34.45
N VAL A 188 -0.34 -31.00 35.11
CA VAL A 188 -1.16 -32.17 35.30
C VAL A 188 -1.49 -32.25 36.79
N GLU A 189 -2.78 -32.15 37.08
CA GLU A 189 -3.28 -32.16 38.46
C GLU A 189 -3.57 -33.59 38.90
N VAL A 190 -3.00 -33.99 40.02
CA VAL A 190 -3.06 -35.37 40.48
C VAL A 190 -3.65 -35.46 41.88
N PRO B 5 9.81 -12.46 -37.00
CA PRO B 5 10.76 -11.52 -36.40
C PRO B 5 10.33 -10.07 -36.61
N LYS B 6 10.18 -9.33 -35.51
CA LYS B 6 9.52 -8.02 -35.52
C LYS B 6 10.20 -7.02 -34.59
N ALA B 7 10.35 -5.79 -35.08
CA ALA B 7 10.98 -4.70 -34.34
C ALA B 7 10.05 -4.16 -33.23
N PRO B 8 10.62 -3.66 -32.13
CA PRO B 8 9.75 -3.30 -31.01
C PRO B 8 8.89 -2.07 -31.29
N VAL B 9 7.64 -2.13 -30.82
CA VAL B 9 6.72 -1.00 -30.82
C VAL B 9 6.16 -0.83 -29.41
N ILE B 10 6.30 0.37 -28.86
CA ILE B 10 5.66 0.69 -27.60
C ILE B 10 4.21 1.06 -27.88
N THR B 11 3.30 0.23 -27.39
CA THR B 11 1.86 0.37 -27.65
C THR B 11 1.17 1.26 -26.62
N THR B 12 1.80 1.44 -25.47
CA THR B 12 1.26 2.34 -24.45
C THR B 12 2.27 3.44 -24.14
N PRO B 13 2.21 4.53 -24.90
CA PRO B 13 3.04 5.69 -24.58
C PRO B 13 2.95 6.02 -23.07
N LEU B 14 4.07 6.39 -22.45
CA LEU B 14 4.05 6.80 -21.06
C LEU B 14 3.30 8.13 -20.94
N GLU B 15 2.63 8.31 -19.81
CA GLU B 15 1.80 9.48 -19.58
C GLU B 15 2.35 10.29 -18.43
N THR B 16 1.61 11.34 -18.07
CA THR B 16 1.84 12.04 -16.82
C THR B 16 1.16 11.26 -15.69
N VAL B 17 1.96 10.75 -14.76
CA VAL B 17 1.44 10.03 -13.61
C VAL B 17 1.49 10.98 -12.40
N ASP B 18 0.32 11.20 -11.80
CA ASP B 18 0.21 11.92 -10.55
C ASP B 18 0.11 10.92 -9.42
N ALA B 19 0.82 11.18 -8.34
CA ALA B 19 0.74 10.35 -7.14
C ALA B 19 1.05 11.21 -5.93
N LEU B 20 0.33 10.97 -4.84
CA LEU B 20 0.65 11.58 -3.57
C LEU B 20 1.91 10.93 -3.00
N VAL B 21 2.63 11.72 -2.19
CA VAL B 21 3.71 11.20 -1.39
C VAL B 21 3.16 9.99 -0.61
N GLU B 22 3.94 8.91 -0.61
CA GLU B 22 3.60 7.62 0.03
C GLU B 22 2.58 6.75 -0.70
N GLU B 23 2.15 7.17 -1.89
CA GLU B 23 1.33 6.31 -2.71
C GLU B 23 2.20 5.40 -3.56
N VAL B 24 1.57 4.38 -4.14
CA VAL B 24 2.18 3.56 -5.16
C VAL B 24 1.92 4.28 -6.49
N ALA B 25 2.92 4.23 -7.37
CA ALA B 25 2.78 4.77 -8.74
C ALA B 25 3.41 3.80 -9.74
N THR B 26 2.71 3.59 -10.85
CA THR B 26 3.15 2.63 -11.85
C THR B 26 3.22 3.28 -13.24
N PHE B 27 4.29 2.96 -13.97
CA PHE B 27 4.40 3.29 -15.39
C PHE B 27 4.20 2.03 -16.23
N MET B 28 3.37 2.14 -17.25
CA MET B 28 3.06 1.05 -18.17
C MET B 28 3.73 1.29 -19.55
N CYS B 29 4.64 0.39 -19.90
CA CYS B 29 5.41 0.46 -21.16
C CYS B 29 5.26 -0.86 -21.87
N ALA B 30 4.06 -1.11 -22.37
CA ALA B 30 3.73 -2.33 -23.09
C ALA B 30 4.43 -2.30 -24.44
N VAL B 31 5.06 -3.43 -24.80
CA VAL B 31 5.87 -3.50 -26.01
C VAL B 31 5.49 -4.74 -26.84
N GLU B 32 5.22 -4.53 -28.12
CA GLU B 32 5.01 -5.63 -29.07
C GLU B 32 6.26 -5.85 -29.92
N SER B 33 6.86 -7.04 -29.79
CA SER B 33 8.10 -7.40 -30.52
C SER B 33 8.39 -8.90 -30.56
N TYR B 34 9.23 -9.30 -31.52
CA TYR B 34 9.82 -10.65 -31.51
C TYR B 34 11.27 -10.62 -32.02
N PRO B 35 12.23 -11.11 -31.21
CA PRO B 35 12.08 -11.75 -29.89
C PRO B 35 11.61 -10.78 -28.78
N GLN B 36 11.43 -11.31 -27.58
CA GLN B 36 11.06 -10.51 -26.42
C GLN B 36 12.08 -9.40 -26.16
N PRO B 37 11.60 -8.19 -25.80
CA PRO B 37 12.52 -7.08 -25.74
C PRO B 37 13.21 -6.97 -24.39
N GLU B 38 14.32 -6.25 -24.36
CA GLU B 38 14.89 -5.77 -23.11
C GLU B 38 14.44 -4.34 -22.98
N ILE B 39 13.88 -4.02 -21.83
CA ILE B 39 13.39 -2.67 -21.56
C ILE B 39 14.18 -2.10 -20.41
N SER B 40 14.77 -0.94 -20.64
CA SER B 40 15.48 -0.23 -19.59
C SER B 40 14.75 1.07 -19.25
N TRP B 41 14.85 1.46 -17.99
CA TRP B 41 14.16 2.62 -17.47
C TRP B 41 15.17 3.63 -16.95
N THR B 42 14.93 4.91 -17.23
CA THR B 42 15.74 5.99 -16.66
C THR B 42 14.83 7.01 -16.00
N ARG B 43 15.28 7.58 -14.88
CA ARG B 43 14.63 8.78 -14.30
C ARG B 43 15.57 9.96 -14.51
N ASN B 44 15.03 10.98 -15.18
CA ASN B 44 15.78 12.18 -15.51
C ASN B 44 17.11 11.82 -16.20
N LYS B 45 16.97 10.90 -17.16
CA LYS B 45 18.09 10.37 -17.98
C LYS B 45 19.20 9.70 -17.18
N ILE B 46 18.86 9.20 -15.99
CA ILE B 46 19.75 8.36 -15.19
C ILE B 46 19.09 7.00 -14.93
N LEU B 47 19.72 5.94 -15.44
CA LEU B 47 19.28 4.54 -15.25
C LEU B 47 18.76 4.28 -13.83
N ILE B 48 17.58 3.64 -13.74
CA ILE B 48 16.86 3.40 -12.49
C ILE B 48 17.68 2.50 -11.55
N LYS B 49 17.89 2.96 -10.31
CA LYS B 49 18.78 2.29 -9.33
C LYS B 49 18.10 1.30 -8.39
N LEU B 50 18.18 0.02 -8.75
CA LEU B 50 17.44 -1.06 -8.06
C LEU B 50 17.91 -1.42 -6.64
N PHE B 51 19.06 -0.89 -6.22
CA PHE B 51 19.48 -0.94 -4.80
C PHE B 51 18.57 -0.10 -3.87
N ASP B 52 17.81 0.80 -4.48
CA ASP B 52 16.64 1.38 -3.83
C ASP B 52 15.53 0.33 -3.88
N THR B 53 15.14 -0.14 -2.70
CA THR B 53 14.16 -1.22 -2.56
C THR B 53 12.72 -0.75 -2.90
N ARG B 54 12.56 0.56 -3.07
CA ARG B 54 11.27 1.18 -3.39
C ARG B 54 10.79 0.89 -4.81
N TYR B 55 11.70 0.49 -5.70
CA TYR B 55 11.34 0.16 -7.08
C TYR B 55 10.95 -1.30 -7.27
N SER B 56 9.97 -1.54 -8.14
CA SER B 56 9.52 -2.88 -8.49
C SER B 56 9.30 -2.97 -10.01
N ILE B 57 10.14 -3.73 -10.70
CA ILE B 57 10.02 -3.91 -12.15
C ILE B 57 9.37 -5.25 -12.43
N ARG B 58 8.31 -5.22 -13.24
CA ARG B 58 7.47 -6.42 -13.49
C ARG B 58 7.12 -6.64 -14.96
N GLU B 59 6.58 -7.82 -15.25
CA GLU B 59 6.19 -8.24 -16.60
C GLU B 59 7.23 -7.91 -17.67
N ASN B 60 8.45 -8.42 -17.45
CA ASN B 60 9.55 -8.29 -18.43
C ASN B 60 9.90 -6.83 -18.73
N GLY B 61 9.87 -5.99 -17.69
CA GLY B 61 10.22 -4.59 -17.80
C GLY B 61 9.12 -3.64 -18.23
N GLN B 62 7.95 -4.18 -18.57
CA GLN B 62 6.84 -3.39 -19.06
C GLN B 62 6.15 -2.58 -17.98
N LEU B 63 6.33 -2.98 -16.72
CA LEU B 63 5.79 -2.26 -15.57
C LEU B 63 6.88 -1.81 -14.64
N LEU B 64 6.93 -0.51 -14.40
CA LEU B 64 7.76 0.03 -13.34
C LEU B 64 6.86 0.60 -12.25
N THR B 65 6.98 0.03 -11.07
CA THR B 65 6.26 0.48 -9.91
C THR B 65 7.17 1.07 -8.87
N ILE B 66 6.80 2.24 -8.37
CA ILE B 66 7.39 2.82 -7.17
C ILE B 66 6.49 2.48 -5.98
N LEU B 67 7.04 1.78 -4.99
CA LEU B 67 6.21 1.23 -3.89
C LEU B 67 5.76 2.27 -2.88
N SER B 68 6.53 3.34 -2.77
CA SER B 68 6.18 4.44 -1.87
C SER B 68 6.82 5.70 -2.44
N VAL B 69 5.97 6.50 -3.08
CA VAL B 69 6.40 7.70 -3.77
C VAL B 69 6.96 8.76 -2.78
N GLU B 70 8.08 9.39 -3.18
CA GLU B 70 8.74 10.49 -2.45
C GLU B 70 8.96 11.68 -3.37
N ASP B 71 9.13 12.86 -2.78
CA ASP B 71 9.39 14.09 -3.54
C ASP B 71 10.50 13.96 -4.57
N SER B 72 11.55 13.25 -4.21
CA SER B 72 12.72 13.05 -5.07
C SER B 72 12.41 12.22 -6.31
N ASP B 73 11.31 11.48 -6.30
CA ASP B 73 10.90 10.69 -7.48
C ASP B 73 10.34 11.53 -8.63
N ASP B 74 9.99 12.79 -8.35
CA ASP B 74 9.38 13.67 -9.33
C ASP B 74 10.30 13.89 -10.53
N GLY B 75 9.74 13.80 -11.73
CA GLY B 75 10.52 14.06 -12.93
C GLY B 75 10.15 13.19 -14.10
N ILE B 76 11.09 13.05 -15.03
CA ILE B 76 10.83 12.44 -16.32
C ILE B 76 11.32 10.99 -16.35
N TYR B 77 10.43 10.08 -16.74
CA TYR B 77 10.73 8.66 -16.77
C TYR B 77 10.63 8.22 -18.23
N CYS B 78 11.55 7.35 -18.65
CA CYS B 78 11.61 6.86 -20.03
C CYS B 78 11.86 5.37 -20.02
N CYS B 79 11.12 4.67 -20.87
CA CYS B 79 11.45 3.27 -21.14
C CYS B 79 11.98 3.20 -22.56
N THR B 80 12.97 2.33 -22.75
CA THR B 80 13.53 2.06 -24.06
C THR B 80 13.50 0.55 -24.31
N ALA B 81 13.04 0.17 -25.49
CA ALA B 81 12.89 -1.22 -25.83
C ALA B 81 13.83 -1.68 -26.96
N ASN B 82 14.61 -2.73 -26.67
CA ASN B 82 15.58 -3.30 -27.61
C ASN B 82 15.41 -4.82 -27.70
N ASN B 83 15.27 -5.34 -28.90
CA ASN B 83 15.21 -6.80 -29.09
C ASN B 83 16.20 -7.35 -30.13
N GLY B 84 17.12 -6.48 -30.56
CA GLY B 84 18.08 -6.80 -31.61
C GLY B 84 17.53 -6.81 -33.03
N VAL B 85 16.28 -6.37 -33.20
CA VAL B 85 15.65 -6.28 -34.53
C VAL B 85 15.19 -4.83 -34.80
N GLY B 86 15.55 -4.29 -35.97
CA GLY B 86 15.17 -2.94 -36.37
C GLY B 86 15.78 -1.86 -35.49
N GLY B 87 15.09 -0.73 -35.38
CA GLY B 87 15.48 0.31 -34.42
C GLY B 87 14.95 0.09 -33.01
N ALA B 88 15.67 0.61 -32.02
CA ALA B 88 15.14 0.73 -30.66
C ALA B 88 14.05 1.80 -30.61
N VAL B 89 13.15 1.67 -29.64
CA VAL B 89 12.06 2.62 -29.46
C VAL B 89 12.00 3.11 -28.01
N GLU B 90 11.61 4.36 -27.85
CA GLU B 90 11.56 4.98 -26.54
C GLU B 90 10.24 5.70 -26.34
N SER B 91 9.82 5.74 -25.07
CA SER B 91 8.68 6.55 -24.64
C SER B 91 9.01 7.22 -23.33
N CYS B 92 8.74 8.52 -23.24
CA CYS B 92 8.98 9.29 -22.02
C CYS B 92 7.71 9.92 -21.47
N GLY B 93 7.55 9.83 -20.15
CA GLY B 93 6.47 10.50 -19.44
C GLY B 93 7.02 11.19 -18.20
N ALA B 94 6.14 11.62 -17.32
CA ALA B 94 6.56 12.27 -16.10
C ALA B 94 5.81 11.73 -14.90
N LEU B 95 6.48 11.74 -13.75
CA LEU B 95 5.83 11.60 -12.46
C LEU B 95 5.72 12.99 -11.82
N GLN B 96 4.51 13.38 -11.48
CA GLN B 96 4.29 14.57 -10.68
C GLN B 96 3.88 14.18 -9.26
N VAL B 97 4.78 14.43 -8.31
CA VAL B 97 4.54 14.07 -6.92
C VAL B 97 3.75 15.17 -6.25
N LYS B 98 2.54 14.82 -5.81
CA LYS B 98 1.67 15.79 -5.17
C LYS B 98 1.63 15.48 -3.68
N MET B 99 1.00 16.35 -2.90
CA MET B 99 0.86 16.13 -1.48
C MET B 99 -0.24 17.04 -0.94
N LYS B 100 -1.09 16.47 -0.07
CA LYS B 100 -2.08 17.25 0.66
C LYS B 100 -1.32 18.22 1.57
N PRO B 101 -1.95 19.34 1.99
CA PRO B 101 -1.23 20.27 2.86
C PRO B 101 -0.82 19.60 4.16
N LYS B 102 0.41 19.87 4.62
CA LYS B 102 0.88 19.34 5.90
C LYS B 102 1.36 20.55 6.67
N ILE B 103 0.87 20.73 7.88
CA ILE B 103 1.27 21.85 8.71
C ILE B 103 2.46 21.40 9.55
N THR B 104 3.65 21.88 9.17
CA THR B 104 4.90 21.40 9.77
C THR B 104 5.23 22.17 11.05
N ARG B 105 4.78 23.42 11.11
CA ARG B 105 4.89 24.21 12.33
C ARG B 105 3.57 24.93 12.60
N PRO B 106 2.70 24.30 13.41
CA PRO B 106 1.41 24.86 13.77
C PRO B 106 1.52 25.93 14.88
N PRO B 107 0.50 26.80 15.00
CA PRO B 107 0.46 27.77 16.10
C PRO B 107 0.42 27.07 17.44
N ILE B 108 0.98 27.73 18.46
CA ILE B 108 0.89 27.25 19.84
C ILE B 108 0.20 28.31 20.71
N ASN B 109 -0.17 27.94 21.93
CA ASN B 109 -0.70 28.88 22.90
C ASN B 109 0.31 29.97 23.22
N VAL B 110 -0.19 31.20 23.24
CA VAL B 110 0.60 32.39 23.54
C VAL B 110 -0.06 33.28 24.60
N LYS B 111 0.69 33.57 25.66
CA LYS B 111 0.37 34.64 26.57
C LYS B 111 1.30 35.80 26.23
N ILE B 112 0.73 36.95 25.90
CA ILE B 112 1.49 38.09 25.40
C ILE B 112 1.01 39.38 26.05
N ILE B 113 1.94 40.29 26.33
CA ILE B 113 1.59 41.62 26.84
C ILE B 113 0.93 42.45 25.73
N GLU B 114 -0.21 43.05 26.08
CA GLU B 114 -0.88 44.05 25.26
C GLU B 114 0.13 45.06 24.73
N GLY B 115 0.00 45.39 23.45
CA GLY B 115 0.86 46.38 22.82
C GLY B 115 2.04 45.75 22.11
N LEU B 116 2.31 44.48 22.40
CA LEU B 116 3.41 43.79 21.74
C LEU B 116 2.97 43.26 20.38
N LYS B 117 3.93 42.74 19.61
CA LYS B 117 3.65 42.13 18.32
C LYS B 117 3.50 40.61 18.53
N ALA B 118 2.41 40.04 18.02
CA ALA B 118 2.21 38.60 18.07
C ALA B 118 2.38 38.02 16.67
N VAL B 119 3.13 36.93 16.59
CA VAL B 119 3.28 36.16 15.35
C VAL B 119 2.98 34.69 15.66
N LEU B 120 1.88 34.21 15.11
CA LEU B 120 1.40 32.85 15.30
C LEU B 120 1.80 32.08 14.04
N PRO B 121 2.68 31.08 14.19
CA PRO B 121 3.17 30.37 12.99
C PRO B 121 2.16 29.40 12.38
N CYS B 122 2.24 29.23 11.06
CA CYS B 122 1.54 28.13 10.38
C CYS B 122 2.33 27.71 9.15
N THR B 123 3.50 27.10 9.38
CA THR B 123 4.37 26.69 8.28
C THR B 123 3.79 25.42 7.66
N THR B 124 3.68 25.43 6.33
CA THR B 124 3.05 24.32 5.63
C THR B 124 3.89 23.83 4.47
N MET B 125 3.70 22.56 4.14
CA MET B 125 4.12 22.00 2.86
C MET B 125 2.90 21.46 2.11
N GLY B 126 3.03 21.32 0.79
CA GLY B 126 1.98 20.76 -0.05
C GLY B 126 2.28 21.02 -1.50
N ASN B 127 1.76 20.17 -2.37
CA ASN B 127 1.77 20.40 -3.80
C ASN B 127 0.43 19.93 -4.38
N PRO B 128 -0.41 20.85 -4.92
CA PRO B 128 -0.14 22.29 -5.10
C PRO B 128 0.14 23.05 -3.81
N LYS B 129 0.85 24.17 -3.94
CA LYS B 129 1.22 24.99 -2.80
C LYS B 129 -0.08 25.38 -2.10
N PRO B 130 -0.20 25.05 -0.80
CA PRO B 130 -1.43 25.33 -0.05
C PRO B 130 -1.64 26.82 0.17
N SER B 131 -2.89 27.25 0.12
CA SER B 131 -3.29 28.57 0.62
C SER B 131 -3.59 28.45 2.12
N VAL B 132 -3.16 29.43 2.89
CA VAL B 132 -3.36 29.45 4.35
C VAL B 132 -4.28 30.59 4.75
N SER B 133 -5.25 30.28 5.61
CA SER B 133 -6.15 31.26 6.19
C SER B 133 -6.34 30.92 7.66
N TRP B 134 -6.96 31.83 8.39
CA TRP B 134 -7.03 31.73 9.85
C TRP B 134 -8.46 31.79 10.34
N ILE B 135 -8.72 31.05 11.41
CA ILE B 135 -10.01 31.05 12.09
C ILE B 135 -9.81 31.54 13.53
N LYS B 136 -10.58 32.56 13.90
CA LYS B 136 -10.66 33.04 15.28
C LYS B 136 -12.08 32.77 15.78
N GLY B 137 -12.18 31.91 16.79
CA GLY B 137 -13.47 31.43 17.26
C GLY B 137 -13.98 30.35 16.33
N ASP B 138 -15.11 30.63 15.67
CA ASP B 138 -15.65 29.73 14.66
C ASP B 138 -15.63 30.42 13.30
N SER B 139 -15.39 31.72 13.30
CA SER B 139 -15.48 32.50 12.06
C SER B 139 -14.12 32.86 11.46
N ALA B 140 -14.14 33.16 10.16
CA ALA B 140 -12.94 33.47 9.40
C ALA B 140 -12.33 34.78 9.85
N LEU B 141 -11.02 34.77 10.02
CA LEU B 141 -10.30 35.96 10.43
C LEU B 141 -10.22 36.92 9.27
N ARG B 142 -10.65 38.15 9.51
CA ARG B 142 -10.56 39.21 8.53
C ARG B 142 -9.34 40.08 8.83
N GLU B 143 -8.48 40.25 7.83
CA GLU B 143 -7.29 41.08 7.97
C GLU B 143 -7.63 42.57 8.05
N ASN B 144 -6.81 43.32 8.77
CA ASN B 144 -7.01 44.77 8.92
C ASN B 144 -5.70 45.55 9.08
N SER B 145 -5.81 46.76 9.63
CA SER B 145 -4.69 47.67 9.83
C SER B 145 -3.53 47.00 10.58
N ARG B 146 -3.88 46.25 11.63
CA ARG B 146 -2.88 45.60 12.49
C ARG B 146 -2.61 44.13 12.13
N ILE B 147 -3.57 43.48 11.49
CA ILE B 147 -3.53 42.03 11.28
C ILE B 147 -3.32 41.63 9.83
N ALA B 148 -2.28 40.83 9.61
CA ALA B 148 -1.94 40.31 8.29
C ALA B 148 -1.50 38.85 8.34
N VAL B 149 -1.99 38.07 7.38
CA VAL B 149 -1.50 36.72 7.16
C VAL B 149 -0.28 36.87 6.26
N LEU B 150 0.88 36.48 6.76
CA LEU B 150 2.12 36.64 6.01
C LEU B 150 2.29 35.54 4.97
N GLU B 151 3.24 35.76 4.05
CA GLU B 151 3.50 34.82 2.96
C GLU B 151 4.01 33.47 3.47
N SER B 152 4.61 33.48 4.65
CA SER B 152 5.02 32.27 5.34
C SER B 152 3.83 31.47 5.89
N GLY B 153 2.65 32.09 5.91
CA GLY B 153 1.46 31.50 6.52
C GLY B 153 1.18 31.99 7.92
N SER B 154 2.14 32.69 8.52
CA SER B 154 2.04 33.19 9.90
C SER B 154 1.02 34.30 10.03
N LEU B 155 0.31 34.30 11.16
CA LEU B 155 -0.56 35.40 11.53
C LEU B 155 0.20 36.42 12.37
N ARG B 156 0.45 37.58 11.79
CA ARG B 156 1.16 38.70 12.45
C ARG B 156 0.15 39.75 12.90
N ILE B 157 0.14 40.00 14.21
CA ILE B 157 -0.70 41.01 14.82
C ILE B 157 0.14 42.15 15.42
N HIS B 158 0.08 43.32 14.81
CA HIS B 158 0.70 44.52 15.36
C HIS B 158 -0.09 45.01 16.56
N ASN B 159 0.62 45.54 17.56
CA ASN B 159 -0.02 46.27 18.67
C ASN B 159 -1.19 45.49 19.27
N VAL B 160 -0.88 44.31 19.80
CA VAL B 160 -1.88 43.38 20.34
C VAL B 160 -2.84 44.01 21.37
N GLN B 161 -4.14 43.83 21.12
CA GLN B 161 -5.19 44.40 21.94
C GLN B 161 -5.91 43.32 22.74
N LYS B 162 -6.65 43.74 23.76
CA LYS B 162 -7.38 42.81 24.64
C LYS B 162 -8.41 42.00 23.86
N GLU B 163 -9.05 42.65 22.88
CA GLU B 163 -10.07 42.03 22.01
C GLU B 163 -9.52 40.97 21.05
N ASP B 164 -8.23 41.07 20.75
CA ASP B 164 -7.52 40.11 19.90
C ASP B 164 -7.44 38.74 20.54
N ALA B 165 -7.53 38.70 21.87
CA ALA B 165 -7.53 37.46 22.61
C ALA B 165 -8.60 36.49 22.10
N GLY B 166 -8.35 35.20 22.30
CA GLY B 166 -9.27 34.15 21.88
C GLY B 166 -8.57 32.93 21.29
N GLN B 167 -9.37 32.09 20.64
CA GLN B 167 -8.95 30.80 20.10
C GLN B 167 -8.72 30.89 18.59
N TYR B 168 -7.51 30.50 18.19
CA TYR B 168 -7.09 30.59 16.78
C TYR B 168 -6.70 29.23 16.22
N ARG B 169 -6.93 29.04 14.93
CA ARG B 169 -6.37 27.92 14.20
C ARG B 169 -6.13 28.35 12.76
N CYS B 170 -5.17 27.70 12.11
CA CYS B 170 -4.93 27.96 10.71
C CYS B 170 -5.47 26.81 9.87
N VAL B 171 -5.72 27.09 8.60
CA VAL B 171 -6.31 26.12 7.66
C VAL B 171 -5.47 26.18 6.39
N ALA B 172 -4.96 25.03 5.97
CA ALA B 172 -4.11 24.96 4.78
C ALA B 172 -4.85 24.14 3.74
N LYS B 173 -5.00 24.69 2.55
CA LYS B 173 -5.89 24.14 1.58
C LYS B 173 -5.26 24.06 0.21
N ASN B 174 -5.34 22.89 -0.41
CA ASN B 174 -5.15 22.79 -1.87
C ASN B 174 -6.28 21.92 -2.48
N SER B 175 -6.23 21.67 -3.78
CA SER B 175 -7.31 20.93 -4.46
C SER B 175 -7.39 19.47 -3.97
N LEU B 176 -6.34 19.02 -3.28
CA LEU B 176 -6.22 17.62 -2.90
C LEU B 176 -6.69 17.29 -1.47
N GLY B 177 -6.71 18.30 -0.61
CA GLY B 177 -7.08 18.09 0.80
C GLY B 177 -6.94 19.39 1.59
N THR B 178 -7.43 19.39 2.82
CA THR B 178 -7.37 20.56 3.68
C THR B 178 -6.87 20.11 5.04
N ALA B 179 -5.92 20.86 5.60
CA ALA B 179 -5.43 20.60 6.96
C ALA B 179 -5.83 21.72 7.90
N TYR B 180 -6.35 21.34 9.05
CA TYR B 180 -6.73 22.26 10.13
C TYR B 180 -5.78 22.06 11.30
N SER B 181 -5.19 23.16 11.79
CA SER B 181 -4.38 23.08 13.01
C SER B 181 -5.32 22.92 14.20
N LYS B 182 -4.81 22.41 15.31
CA LYS B 182 -5.56 22.51 16.54
C LYS B 182 -5.71 23.97 16.95
N LEU B 183 -6.85 24.25 17.56
CA LEU B 183 -7.19 25.54 18.13
C LEU B 183 -6.23 25.83 19.28
N VAL B 184 -5.70 27.04 19.31
CA VAL B 184 -4.77 27.47 20.38
C VAL B 184 -5.30 28.74 20.99
N LYS B 185 -4.90 29.02 22.23
CA LYS B 185 -5.35 30.19 22.95
C LYS B 185 -4.35 31.35 22.89
N LEU B 186 -4.82 32.50 22.41
CA LEU B 186 -4.07 33.74 22.51
C LEU B 186 -4.61 34.54 23.69
N GLU B 187 -3.84 34.57 24.77
CA GLU B 187 -4.19 35.31 25.96
C GLU B 187 -3.41 36.61 25.93
N VAL B 188 -4.12 37.73 26.12
CA VAL B 188 -3.51 39.05 26.14
C VAL B 188 -3.43 39.55 27.59
N GLU B 189 -2.21 39.87 28.03
CA GLU B 189 -1.98 40.33 29.38
C GLU B 189 -1.94 41.87 29.43
N VAL B 190 -2.75 42.44 30.32
CA VAL B 190 -2.65 43.86 30.62
C VAL B 190 -2.19 44.08 32.05
N PHE B 191 -0.92 44.47 32.17
CA PHE B 191 -0.34 44.89 33.45
C PHE B 191 -0.08 46.40 33.41
S SO4 C . -16.47 -12.53 -16.34
O1 SO4 C . -17.08 -13.24 -15.21
O2 SO4 C . -15.32 -11.77 -15.83
O3 SO4 C . -16.04 -13.49 -17.37
O4 SO4 C . -17.47 -11.64 -16.96
S SO4 D . 17.30 7.98 -22.12
O1 SO4 D . 16.71 8.73 -23.23
O2 SO4 D . 16.28 7.30 -21.32
O3 SO4 D . 18.22 6.97 -22.65
O4 SO4 D . 18.04 8.89 -21.25
S SO4 E . -1.93 10.94 3.41
O1 SO4 E . -3.20 10.22 3.46
O2 SO4 E . -1.16 10.58 4.61
O3 SO4 E . -1.17 10.55 2.23
O4 SO4 E . -2.16 12.38 3.38
#